data_3P10
#
_entry.id   3P10
#
_cell.length_a   117.540
_cell.length_b   67.550
_cell.length_c   60.070
_cell.angle_alpha   90.00
_cell.angle_beta   95.99
_cell.angle_gamma   90.00
#
_symmetry.space_group_name_H-M   'C 1 2 1'
#
loop_
_entity.id
_entity.type
_entity.pdbx_description
1 polymer '2-C-methyl-D-erythritol 2,4-cyclodiphosphate synthase'
2 non-polymer 'CHLORIDE ION'
3 non-polymer 'ZINC ION'
4 non-polymer 4-AMINO-1-BETA-D-RIBOFURANOSYL-2(1H)-PYRIMIDINONE
5 non-polymer (2-thiophen-2-ylphenyl)methanol
6 non-polymer 'POTASSIUM ION'
7 water water
#
_entity_poly.entity_id   1
_entity_poly.type   'polypeptide(L)'
_entity_poly.pdbx_seq_one_letter_code
;MAHHHHHHMGTLEAQTQGPGSMDFRIGQGYDVHQLVPGRPLIIGGVTIPYERGLLGHSDADVLLHAITDALFGAAALGDI
GRHFSDTDPRFKGADSRALLRECASRVAQAGFAIRNVDSTIIAQAPKLAPHIDAMRANIAADLDLPLDRVNVKAKTNEKL
GYLGRGEGIEAQAAALVVREAAA
;
_entity_poly.pdbx_strand_id   A,B,C
#
# COMPACT_ATOMS: atom_id res chain seq x y z
N MET A 22 19.21 -7.44 -13.29
CA MET A 22 17.90 -6.78 -13.56
C MET A 22 16.77 -7.55 -12.87
N ASP A 23 17.13 -8.34 -11.86
CA ASP A 23 16.17 -9.14 -11.14
C ASP A 23 15.59 -8.31 -9.98
N PHE A 24 14.77 -7.32 -10.33
CA PHE A 24 14.15 -6.42 -9.35
C PHE A 24 12.96 -7.11 -8.68
N ARG A 25 12.69 -6.71 -7.44
CA ARG A 25 11.55 -7.24 -6.69
C ARG A 25 11.00 -6.13 -5.84
N ILE A 26 9.70 -6.13 -5.63
N ILE A 26 9.69 -6.11 -5.66
CA ILE A 26 9.11 -5.12 -4.78
CA ILE A 26 9.08 -5.11 -4.79
C ILE A 26 8.47 -5.72 -3.54
C ILE A 26 8.50 -5.73 -3.53
N GLY A 27 8.45 -4.94 -2.46
CA GLY A 27 7.86 -5.38 -1.23
C GLY A 27 7.01 -4.26 -0.66
N GLN A 28 6.04 -4.60 0.17
CA GLN A 28 5.20 -3.57 0.82
C GLN A 28 4.99 -3.94 2.27
N GLY A 29 4.78 -2.95 3.12
CA GLY A 29 4.58 -3.26 4.53
C GLY A 29 3.56 -2.34 5.14
N TYR A 30 2.95 -2.85 6.22
CA TYR A 30 1.92 -2.11 6.96
C TYR A 30 2.18 -2.33 8.45
N ASP A 31 1.92 -1.30 9.27
CA ASP A 31 1.89 -1.54 10.72
C ASP A 31 1.00 -0.51 11.39
N VAL A 32 0.45 -0.86 12.54
CA VAL A 32 -0.27 0.13 13.36
C VAL A 32 -0.08 -0.25 14.81
N HIS A 33 0.02 0.75 15.68
CA HIS A 33 0.07 0.50 17.13
C HIS A 33 -0.80 1.53 17.80
N GLN A 34 -1.38 1.12 18.94
CA GLN A 34 -2.11 2.04 19.80
C GLN A 34 -1.20 3.09 20.42
N LEU A 35 -1.75 4.27 20.65
CA LEU A 35 -1.05 5.35 21.29
C LEU A 35 -1.58 5.46 22.72
N VAL A 36 -0.70 5.31 23.70
CA VAL A 36 -1.10 5.18 25.12
C VAL A 36 -0.20 6.05 26.03
N PRO A 37 -0.73 6.51 27.18
CA PRO A 37 0.17 7.19 28.12
C PRO A 37 1.25 6.26 28.69
N GLY A 38 2.38 6.82 29.09
CA GLY A 38 3.39 6.07 29.86
C GLY A 38 4.41 5.27 29.05
N ARG A 39 4.44 5.52 27.75
CA ARG A 39 5.37 4.88 26.81
C ARG A 39 6.10 5.99 26.06
N PRO A 40 7.40 5.78 25.74
CA PRO A 40 8.16 6.63 24.83
C PRO A 40 7.52 6.62 23.44
N LEU A 41 7.47 7.77 22.78
CA LEU A 41 7.06 7.77 21.37
C LEU A 41 8.31 7.68 20.52
N ILE A 42 8.50 6.54 19.86
CA ILE A 42 9.70 6.31 19.07
C ILE A 42 9.23 5.89 17.69
N ILE A 43 9.56 6.71 16.71
CA ILE A 43 9.14 6.44 15.33
C ILE A 43 10.35 6.72 14.48
N GLY A 44 10.64 5.77 13.60
CA GLY A 44 11.83 5.92 12.73
C GLY A 44 13.10 6.02 13.56
N GLY A 45 13.07 5.42 14.75
CA GLY A 45 14.23 5.45 15.67
C GLY A 45 14.38 6.73 16.45
N VAL A 46 13.50 7.69 16.22
CA VAL A 46 13.58 9.00 16.87
C VAL A 46 12.65 9.05 18.08
N THR A 47 13.20 9.38 19.26
CA THR A 47 12.38 9.59 20.44
C THR A 47 11.82 11.00 20.36
N ILE A 48 10.50 11.10 20.27
CA ILE A 48 9.83 12.37 20.04
C ILE A 48 9.18 12.79 21.34
N PRO A 49 9.47 14.03 21.81
CA PRO A 49 8.80 14.50 23.03
C PRO A 49 7.27 14.44 22.86
N TYR A 50 6.61 13.71 23.74
CA TYR A 50 5.15 13.54 23.67
C TYR A 50 4.65 12.85 24.90
N GLU A 51 3.43 13.21 25.33
CA GLU A 51 2.85 12.66 26.54
C GLU A 51 2.36 11.21 26.40
N ARG A 52 2.29 10.71 25.17
CA ARG A 52 1.91 9.34 24.91
C ARG A 52 2.96 8.67 24.01
N GLY A 53 2.90 7.35 23.95
CA GLY A 53 3.85 6.56 23.15
C GLY A 53 3.14 5.38 22.54
N LEU A 54 3.84 4.64 21.66
CA LEU A 54 3.21 3.49 21.03
C LEU A 54 3.33 2.21 21.88
N LEU A 55 2.23 1.47 21.90
CA LEU A 55 2.12 0.28 22.73
C LEU A 55 2.51 -0.94 21.93
N GLY A 56 3.46 -1.70 22.44
CA GLY A 56 3.86 -2.96 21.83
C GLY A 56 4.82 -3.68 22.73
N HIS A 57 5.18 -4.91 22.37
CA HIS A 57 6.14 -5.63 23.19
CA HIS A 57 6.14 -5.66 23.17
C HIS A 57 7.56 -5.13 22.97
N SER A 58 7.87 -4.75 21.73
CA SER A 58 9.15 -4.11 21.45
C SER A 58 9.04 -2.62 21.78
N ASP A 59 9.96 -1.80 21.25
CA ASP A 59 9.79 -0.34 21.38
C ASP A 59 8.60 0.20 20.52
N ALA A 60 7.97 -0.70 19.78
CA ALA A 60 6.73 -0.45 19.05
C ALA A 60 6.88 0.58 17.92
N ASP A 61 8.10 0.63 17.35
CA ASP A 61 8.38 1.60 16.29
C ASP A 61 7.63 1.23 15.00
N VAL A 62 6.47 1.84 14.82
CA VAL A 62 5.55 1.47 13.75
C VAL A 62 6.17 1.66 12.33
N LEU A 63 6.96 2.72 12.16
CA LEU A 63 7.58 2.98 10.86
C LEU A 63 8.63 1.94 10.53
N LEU A 64 9.52 1.62 11.49
CA LEU A 64 10.56 0.64 11.20
C LEU A 64 9.98 -0.75 10.98
N HIS A 65 8.91 -1.10 11.70
CA HIS A 65 8.31 -2.41 11.47
C HIS A 65 7.74 -2.51 10.06
N ALA A 66 7.05 -1.46 9.63
CA ALA A 66 6.50 -1.45 8.26
C ALA A 66 7.62 -1.61 7.23
N ILE A 67 8.72 -0.89 7.42
CA ILE A 67 9.83 -1.00 6.46
C ILE A 67 10.44 -2.40 6.49
N THR A 68 10.57 -2.96 7.70
CA THR A 68 11.16 -4.28 7.90
C THR A 68 10.32 -5.32 7.16
N ASP A 69 9.00 -5.23 7.32
CA ASP A 69 8.09 -6.13 6.60
C ASP A 69 8.20 -5.95 5.06
N ALA A 70 8.30 -4.71 4.59
CA ALA A 70 8.46 -4.48 3.14
C ALA A 70 9.73 -5.16 2.63
N LEU A 71 10.80 -5.08 3.40
CA LEU A 71 12.07 -5.66 2.95
C LEU A 71 12.03 -7.18 2.96
N PHE A 72 11.50 -7.77 4.03
CA PHE A 72 11.33 -9.24 4.04
C PHE A 72 10.40 -9.65 2.89
N GLY A 73 9.43 -8.81 2.61
CA GLY A 73 8.43 -9.13 1.59
C GLY A 73 9.05 -9.17 0.21
N ALA A 74 9.88 -8.16 -0.06
CA ALA A 74 10.54 -8.03 -1.37
C ALA A 74 11.48 -9.22 -1.64
N ALA A 75 12.09 -9.74 -0.56
CA ALA A 75 13.01 -10.86 -0.66
C ALA A 75 12.30 -12.23 -0.58
N ALA A 76 10.97 -12.19 -0.44
CA ALA A 76 10.13 -13.39 -0.20
C ALA A 76 10.64 -14.21 0.99
N LEU A 77 10.92 -13.52 2.10
CA LEU A 77 11.42 -14.16 3.30
C LEU A 77 10.39 -14.16 4.43
N GLY A 78 9.12 -13.95 4.10
CA GLY A 78 8.03 -14.02 5.10
C GLY A 78 7.77 -12.64 5.67
N ASP A 79 7.78 -12.55 6.99
CA ASP A 79 7.43 -11.31 7.68
C ASP A 79 8.17 -11.22 9.01
N ILE A 80 7.96 -10.11 9.69
CA ILE A 80 8.68 -9.81 10.87
C ILE A 80 8.45 -10.83 12.02
N GLY A 81 7.24 -11.37 12.12
CA GLY A 81 6.92 -12.35 13.16
C GLY A 81 7.68 -13.66 12.96
N ARG A 82 7.88 -14.04 11.71
CA ARG A 82 8.67 -15.22 11.39
C ARG A 82 10.12 -15.08 11.88
N HIS A 83 10.69 -13.89 11.67
CA HIS A 83 12.11 -13.65 11.95
C HIS A 83 12.48 -13.29 13.37
N PHE A 84 11.56 -12.62 14.08
CA PHE A 84 11.87 -12.07 15.41
C PHE A 84 10.72 -12.44 16.31
N SER A 85 10.83 -13.63 16.90
CA SER A 85 9.74 -14.18 17.74
C SER A 85 9.37 -13.20 18.87
N ASP A 86 8.09 -12.80 18.92
CA ASP A 86 7.61 -11.87 19.95
C ASP A 86 7.47 -12.48 21.36
N THR A 87 7.91 -13.73 21.54
CA THR A 87 7.96 -14.34 22.88
C THR A 87 9.40 -14.63 23.34
N ASP A 88 10.37 -14.29 22.49
CA ASP A 88 11.78 -14.28 22.89
C ASP A 88 11.95 -13.12 23.89
N PRO A 89 12.63 -13.36 25.03
CA PRO A 89 12.91 -12.32 26.02
C PRO A 89 13.54 -11.06 25.40
N ARG A 90 14.37 -11.23 24.37
CA ARG A 90 15.04 -10.11 23.70
CA ARG A 90 15.04 -10.11 23.72
C ARG A 90 14.06 -9.21 22.95
N PHE A 91 12.87 -9.73 22.65
CA PHE A 91 11.91 -8.90 21.93
C PHE A 91 11.34 -7.83 22.85
N LYS A 92 11.26 -8.11 24.15
CA LYS A 92 10.67 -7.16 25.09
C LYS A 92 11.53 -5.90 25.11
N GLY A 93 10.94 -4.77 24.71
CA GLY A 93 11.64 -3.50 24.66
C GLY A 93 12.69 -3.43 23.55
N ALA A 94 12.63 -4.37 22.61
CA ALA A 94 13.64 -4.41 21.52
C ALA A 94 13.75 -3.13 20.72
N ASP A 95 14.99 -2.76 20.42
CA ASP A 95 15.33 -1.64 19.54
C ASP A 95 14.98 -2.07 18.11
N SER A 96 13.93 -1.45 17.57
CA SER A 96 13.50 -1.80 16.22
C SER A 96 14.52 -1.44 15.14
N ARG A 97 15.47 -0.54 15.45
CA ARG A 97 16.60 -0.37 14.51
C ARG A 97 17.53 -1.55 14.49
N ALA A 98 17.75 -2.19 15.64
CA ALA A 98 18.56 -3.43 15.62
C ALA A 98 17.82 -4.53 14.84
N LEU A 99 16.50 -4.57 14.98
CA LEU A 99 15.69 -5.50 14.15
C LEU A 99 15.83 -5.18 12.65
N LEU A 100 15.73 -3.90 12.31
CA LEU A 100 15.86 -3.48 10.90
C LEU A 100 17.24 -3.83 10.35
N ARG A 101 18.30 -3.59 11.13
CA ARG A 101 19.64 -3.97 10.65
C ARG A 101 19.79 -5.49 10.45
N GLU A 102 19.18 -6.28 11.33
CA GLU A 102 19.26 -7.73 11.16
C GLU A 102 18.45 -8.20 9.95
N CYS A 103 17.29 -7.58 9.75
CA CYS A 103 16.51 -7.79 8.53
C CYS A 103 17.35 -7.50 7.30
N ALA A 104 18.01 -6.35 7.27
CA ALA A 104 18.84 -6.00 6.13
C ALA A 104 19.94 -7.03 5.91
N SER A 105 20.54 -7.52 7.01
CA SER A 105 21.58 -8.54 6.93
C SER A 105 21.03 -9.82 6.28
N ARG A 106 19.84 -10.24 6.69
CA ARG A 106 19.25 -11.47 6.12
C ARG A 106 18.89 -11.31 4.62
N VAL A 107 18.35 -10.14 4.28
CA VAL A 107 17.99 -9.80 2.91
C VAL A 107 19.26 -9.83 2.03
N ALA A 108 20.34 -9.23 2.53
CA ALA A 108 21.63 -9.30 1.83
C ALA A 108 22.09 -10.75 1.69
N GLN A 109 21.96 -11.53 2.76
CA GLN A 109 22.41 -12.93 2.76
C GLN A 109 21.61 -13.74 1.76
N ALA A 110 20.36 -13.35 1.55
CA ALA A 110 19.52 -14.00 0.55
C ALA A 110 19.92 -13.63 -0.89
N GLY A 111 20.79 -12.62 -1.03
CA GLY A 111 21.35 -12.23 -2.32
C GLY A 111 20.83 -10.91 -2.88
N PHE A 112 20.08 -10.15 -2.07
CA PHE A 112 19.44 -8.92 -2.55
C PHE A 112 20.18 -7.68 -2.07
N ALA A 113 20.22 -6.68 -2.95
CA ALA A 113 20.71 -5.34 -2.59
C ALA A 113 19.50 -4.41 -2.56
N ILE A 114 19.44 -3.51 -1.57
CA ILE A 114 18.30 -2.60 -1.48
C ILE A 114 18.52 -1.38 -2.38
N ARG A 115 17.52 -1.05 -3.18
CA ARG A 115 17.59 0.11 -4.11
C ARG A 115 16.92 1.36 -3.55
N ASN A 116 15.72 1.22 -2.97
CA ASN A 116 15.14 2.39 -2.28
C ASN A 116 14.04 2.01 -1.34
N VAL A 117 13.72 2.92 -0.44
CA VAL A 117 12.60 2.74 0.44
C VAL A 117 11.76 4.02 0.45
N ASP A 118 10.44 3.84 0.42
CA ASP A 118 9.51 4.96 0.61
C ASP A 118 8.51 4.60 1.69
N SER A 119 7.92 5.59 2.36
CA SER A 119 7.07 5.23 3.50
C SER A 119 6.16 6.40 3.85
N THR A 120 5.09 6.10 4.60
CA THR A 120 4.15 7.13 5.09
C THR A 120 3.82 6.81 6.53
N ILE A 121 3.82 7.85 7.37
CA ILE A 121 3.31 7.76 8.75
C ILE A 121 1.98 8.50 8.76
N ILE A 122 0.96 7.90 9.39
CA ILE A 122 -0.32 8.59 9.50
C ILE A 122 -0.62 8.81 10.97
N ALA A 123 -0.64 10.07 11.38
CA ALA A 123 -0.80 10.45 12.80
C ALA A 123 -1.49 11.81 12.93
N GLN A 124 -2.52 11.89 13.79
CA GLN A 124 -3.17 13.16 14.07
C GLN A 124 -2.17 14.12 14.76
N ALA A 125 -1.35 13.55 15.62
CA ALA A 125 -0.42 14.29 16.49
C ALA A 125 0.63 13.28 16.98
N PRO A 126 1.79 13.79 17.45
CA PRO A 126 2.29 15.17 17.38
C PRO A 126 2.72 15.54 15.96
N LYS A 127 3.19 16.77 15.79
CA LYS A 127 3.76 17.20 14.51
C LYS A 127 5.03 16.43 14.27
N LEU A 128 5.09 15.76 13.13
CA LEU A 128 6.22 14.91 12.79
C LEU A 128 7.27 15.59 11.95
N ALA A 129 6.88 16.68 11.27
CA ALA A 129 7.83 17.35 10.34
C ALA A 129 9.22 17.63 10.90
N PRO A 130 9.34 18.15 12.15
CA PRO A 130 10.66 18.46 12.73
C PRO A 130 11.56 17.24 12.95
N HIS A 131 10.99 16.03 12.81
CA HIS A 131 11.68 14.78 13.10
C HIS A 131 11.91 13.90 11.90
N ILE A 132 11.31 14.24 10.76
CA ILE A 132 11.31 13.37 9.60
C ILE A 132 12.71 13.19 9.02
N ASP A 133 13.50 14.26 8.95
CA ASP A 133 14.84 14.11 8.39
C ASP A 133 15.69 13.16 9.24
N ALA A 134 15.52 13.24 10.57
CA ALA A 134 16.28 12.37 11.46
C ALA A 134 15.87 10.90 11.27
N MET A 135 14.57 10.67 11.04
CA MET A 135 14.07 9.30 10.74
C MET A 135 14.69 8.77 9.47
N ARG A 136 14.67 9.62 8.42
CA ARG A 136 15.30 9.29 7.16
CA ARG A 136 15.31 9.24 7.15
C ARG A 136 16.77 8.88 7.34
N ALA A 137 17.53 9.70 8.10
CA ALA A 137 18.94 9.41 8.37
C ALA A 137 19.14 8.09 9.10
N ASN A 138 18.24 7.78 10.03
CA ASN A 138 18.36 6.53 10.79
C ASN A 138 18.15 5.33 9.89
N ILE A 139 17.14 5.42 9.02
CA ILE A 139 16.80 4.30 8.15
C ILE A 139 17.91 4.11 7.13
N ALA A 140 18.41 5.22 6.59
CA ALA A 140 19.54 5.16 5.65
C ALA A 140 20.79 4.53 6.31
N ALA A 141 21.08 4.90 7.55
CA ALA A 141 22.18 4.32 8.28
C ALA A 141 22.00 2.80 8.44
N ASP A 142 20.80 2.38 8.83
CA ASP A 142 20.53 0.99 9.14
C ASP A 142 20.56 0.14 7.89
N LEU A 143 20.28 0.75 6.74
CA LEU A 143 20.22 -0.01 5.51
C LEU A 143 21.46 0.19 4.62
N ASP A 144 22.44 0.92 5.16
CA ASP A 144 23.65 1.33 4.43
C ASP A 144 23.28 1.90 3.06
N LEU A 145 22.36 2.85 3.08
CA LEU A 145 21.94 3.57 1.87
C LEU A 145 22.30 5.04 2.03
N PRO A 146 22.52 5.74 0.89
CA PRO A 146 22.57 7.18 0.94
C PRO A 146 21.20 7.75 1.26
N LEU A 147 21.15 8.97 1.80
CA LEU A 147 19.89 9.63 2.10
C LEU A 147 18.95 9.72 0.91
N ASP A 148 19.49 9.90 -0.28
CA ASP A 148 18.69 10.10 -1.49
CA ASP A 148 18.63 10.12 -1.44
C ASP A 148 17.97 8.83 -1.98
N ARG A 149 18.13 7.72 -1.26
CA ARG A 149 17.37 6.50 -1.58
C ARG A 149 16.34 6.14 -0.50
N VAL A 150 16.15 7.04 0.45
CA VAL A 150 15.22 6.77 1.54
C VAL A 150 14.27 7.93 1.68
N ASN A 151 12.98 7.64 1.81
CA ASN A 151 11.98 8.70 1.96
C ASN A 151 10.94 8.36 3.00
N VAL A 152 10.58 9.39 3.78
CA VAL A 152 9.54 9.27 4.82
C VAL A 152 8.57 10.43 4.67
N LYS A 153 7.30 10.09 4.53
CA LYS A 153 6.23 11.06 4.36
C LYS A 153 5.30 11.01 5.56
N ALA A 154 4.71 12.14 5.91
CA ALA A 154 3.75 12.13 6.99
C ALA A 154 2.39 12.68 6.55
N LYS A 155 1.33 12.17 7.18
CA LYS A 155 -0.04 12.53 6.80
C LYS A 155 -0.85 12.61 8.07
N THR A 156 -1.87 13.47 8.09
CA THR A 156 -2.92 13.25 9.08
C THR A 156 -3.93 12.35 8.35
N ASN A 157 -4.92 11.86 9.08
CA ASN A 157 -6.02 11.14 8.47
C ASN A 157 -7.26 12.00 8.24
N GLU A 158 -7.06 13.31 8.16
CA GLU A 158 -8.13 14.30 7.93
C GLU A 158 -9.31 14.09 8.89
N LYS A 159 -8.94 13.83 10.14
CA LYS A 159 -9.88 13.71 11.25
C LYS A 159 -10.74 12.45 11.25
N LEU A 160 -10.50 11.53 10.32
CA LEU A 160 -11.33 10.33 10.19
C LEU A 160 -10.85 9.10 10.98
N GLY A 161 -11.80 8.44 11.64
CA GLY A 161 -11.54 7.12 12.21
C GLY A 161 -10.66 7.13 13.43
N TYR A 162 -10.21 5.94 13.83
CA TYR A 162 -9.38 5.82 15.04
C TYR A 162 -8.06 6.60 14.90
N LEU A 163 -7.55 6.75 13.66
CA LEU A 163 -6.35 7.56 13.44
C LEU A 163 -6.67 9.04 13.67
N GLY A 164 -7.82 9.48 13.17
CA GLY A 164 -8.28 10.87 13.40
C GLY A 164 -8.52 11.20 14.86
N ARG A 165 -8.93 10.18 15.62
CA ARG A 165 -9.17 10.33 17.07
C ARG A 165 -7.87 10.18 17.87
N GLY A 166 -6.75 9.96 17.17
CA GLY A 166 -5.44 9.83 17.82
C GLY A 166 -5.29 8.61 18.72
N GLU A 167 -5.99 7.53 18.37
CA GLU A 167 -5.97 6.30 19.15
C GLU A 167 -4.77 5.43 18.80
N GLY A 168 -4.19 5.67 17.63
CA GLY A 168 -3.02 4.91 17.23
C GLY A 168 -2.33 5.64 16.09
N ILE A 169 -1.20 5.10 15.65
CA ILE A 169 -0.46 5.67 14.52
C ILE A 169 -0.16 4.53 13.55
N GLU A 170 -0.35 4.78 12.26
CA GLU A 170 -0.10 3.80 11.21
C GLU A 170 1.15 4.14 10.41
N ALA A 171 1.82 3.12 9.88
CA ALA A 171 2.85 3.34 8.85
C ALA A 171 2.68 2.40 7.66
N GLN A 172 3.07 2.88 6.47
CA GLN A 172 3.01 2.10 5.24
C GLN A 172 4.42 2.22 4.68
N ALA A 173 4.90 1.17 4.04
CA ALA A 173 6.21 1.22 3.39
C ALA A 173 6.25 0.44 2.08
N ALA A 174 7.10 0.90 1.18
CA ALA A 174 7.42 0.23 -0.09
C ALA A 174 8.92 0.10 -0.20
N ALA A 175 9.40 -1.05 -0.69
CA ALA A 175 10.85 -1.19 -0.91
C ALA A 175 11.10 -1.84 -2.26
N LEU A 176 12.16 -1.41 -2.93
CA LEU A 176 12.59 -2.06 -4.16
C LEU A 176 13.96 -2.66 -3.90
N VAL A 177 14.17 -3.93 -4.27
CA VAL A 177 15.46 -4.57 -4.12
C VAL A 177 15.85 -5.19 -5.48
N VAL A 178 17.08 -5.67 -5.56
CA VAL A 178 17.51 -6.38 -6.77
C VAL A 178 18.34 -7.58 -6.34
N ARG A 179 18.02 -8.77 -6.88
CA ARG A 179 18.85 -9.94 -6.55
C ARG A 179 20.06 -9.94 -7.45
N GLU A 180 21.23 -9.87 -6.82
CA GLU A 180 22.50 -9.73 -7.53
C GLU A 180 23.00 -11.03 -8.21
N MET B 22 15.13 -1.94 -19.02
CA MET B 22 13.91 -2.77 -19.23
C MET B 22 12.63 -2.05 -18.80
N ASP B 23 11.50 -2.55 -19.31
CA ASP B 23 10.22 -1.84 -19.17
C ASP B 23 9.42 -2.40 -18.01
N PHE B 24 9.88 -2.09 -16.80
CA PHE B 24 9.23 -2.52 -15.58
C PHE B 24 8.00 -1.66 -15.25
N ARG B 25 7.00 -2.28 -14.64
CA ARG B 25 5.80 -1.56 -14.15
C ARG B 25 5.42 -2.10 -12.77
N ILE B 26 4.92 -1.23 -11.91
N ILE B 26 4.94 -1.20 -11.91
CA ILE B 26 4.41 -1.67 -10.63
CA ILE B 26 4.40 -1.54 -10.59
C ILE B 26 2.89 -1.54 -10.53
C ILE B 26 2.87 -1.55 -10.57
N GLY B 27 2.29 -2.45 -9.76
CA GLY B 27 0.85 -2.41 -9.49
C GLY B 27 0.61 -2.59 -8.01
N GLN B 28 -0.55 -2.11 -7.56
CA GLN B 28 -0.92 -2.23 -6.15
C GLN B 28 -2.40 -2.61 -6.02
N GLY B 29 -2.72 -3.39 -5.00
CA GLY B 29 -4.09 -3.85 -4.81
C GLY B 29 -4.57 -3.79 -3.36
N TYR B 30 -5.86 -3.59 -3.19
CA TYR B 30 -6.54 -3.51 -1.90
C TYR B 30 -7.84 -4.29 -1.96
N ASP B 31 -8.18 -4.99 -0.89
CA ASP B 31 -9.54 -5.53 -0.77
C ASP B 31 -9.89 -5.67 0.71
N VAL B 32 -11.18 -5.72 1.00
CA VAL B 32 -11.69 -5.94 2.34
C VAL B 32 -13.05 -6.61 2.21
N HIS B 33 -13.35 -7.49 3.14
CA HIS B 33 -14.68 -8.10 3.23
C HIS B 33 -15.07 -8.19 4.69
N GLN B 34 -16.38 -8.16 4.97
CA GLN B 34 -16.90 -8.39 6.32
C GLN B 34 -16.72 -9.85 6.78
N LEU B 35 -16.50 -9.99 8.08
CA LEU B 35 -16.28 -11.29 8.72
C LEU B 35 -17.48 -11.58 9.64
N VAL B 36 -18.29 -12.56 9.27
CA VAL B 36 -19.51 -12.96 10.02
C VAL B 36 -19.71 -14.47 10.08
N PRO B 37 -20.51 -14.95 11.06
CA PRO B 37 -20.88 -16.37 11.09
C PRO B 37 -21.55 -16.84 9.80
N GLY B 38 -21.31 -18.09 9.44
CA GLY B 38 -22.13 -18.76 8.41
C GLY B 38 -21.56 -18.89 7.01
N ARG B 39 -20.30 -18.46 6.83
CA ARG B 39 -19.57 -18.62 5.57
C ARG B 39 -18.19 -19.20 5.87
N PRO B 40 -17.60 -19.97 4.93
CA PRO B 40 -16.28 -20.47 5.27
C PRO B 40 -15.23 -19.39 5.07
N LEU B 41 -14.08 -19.56 5.70
CA LEU B 41 -12.97 -18.61 5.55
C LEU B 41 -11.99 -19.11 4.49
N ILE B 42 -11.93 -18.40 3.37
CA ILE B 42 -11.05 -18.80 2.26
C ILE B 42 -10.17 -17.62 1.93
N ILE B 43 -8.86 -17.83 2.10
CA ILE B 43 -7.88 -16.75 1.89
C ILE B 43 -6.70 -17.33 1.14
N GLY B 44 -6.38 -16.77 -0.03
CA GLY B 44 -5.26 -17.27 -0.83
C GLY B 44 -5.50 -18.69 -1.32
N GLY B 45 -6.78 -19.00 -1.52
CA GLY B 45 -7.18 -20.34 -2.00
C GLY B 45 -7.26 -21.39 -0.91
N VAL B 46 -6.96 -20.99 0.33
CA VAL B 46 -6.89 -21.92 1.45
C VAL B 46 -8.14 -21.82 2.31
N THR B 47 -8.78 -22.96 2.57
CA THR B 47 -9.89 -22.99 3.51
C THR B 47 -9.39 -23.16 4.93
N ILE B 48 -9.72 -22.18 5.77
CA ILE B 48 -9.14 -22.08 7.10
C ILE B 48 -10.21 -22.23 8.15
N PRO B 49 -10.04 -23.19 9.07
CA PRO B 49 -11.03 -23.50 10.09
C PRO B 49 -11.29 -22.27 10.93
N TYR B 50 -12.55 -21.89 11.01
CA TYR B 50 -12.94 -20.70 11.76
C TYR B 50 -14.45 -20.62 11.85
N GLU B 51 -14.93 -20.08 12.97
CA GLU B 51 -16.36 -19.97 13.26
C GLU B 51 -17.06 -19.14 12.19
N ARG B 52 -16.29 -18.27 11.55
CA ARG B 52 -16.82 -17.26 10.65
C ARG B 52 -16.04 -17.22 9.35
N GLY B 53 -16.56 -16.46 8.40
CA GLY B 53 -16.00 -16.41 7.07
C GLY B 53 -16.31 -15.10 6.38
N LEU B 54 -15.72 -14.91 5.21
CA LEU B 54 -15.82 -13.63 4.50
C LEU B 54 -17.05 -13.54 3.60
N LEU B 55 -17.73 -12.41 3.68
CA LEU B 55 -18.99 -12.18 2.95
C LEU B 55 -18.68 -11.54 1.60
N GLY B 56 -19.12 -12.19 0.52
CA GLY B 56 -18.85 -11.71 -0.84
C GLY B 56 -19.52 -12.54 -1.92
N HIS B 57 -19.31 -12.17 -3.18
CA HIS B 57 -20.01 -12.78 -4.33
C HIS B 57 -19.82 -14.29 -4.42
N SER B 58 -18.57 -14.75 -4.47
CA SER B 58 -18.34 -16.19 -4.46
C SER B 58 -17.63 -16.60 -3.18
N ASP B 59 -16.31 -16.79 -3.27
CA ASP B 59 -15.52 -17.27 -2.16
C ASP B 59 -15.03 -16.10 -1.28
N ALA B 60 -15.17 -14.88 -1.80
CA ALA B 60 -14.73 -13.68 -1.10
C ALA B 60 -13.26 -13.76 -0.69
N ASP B 61 -12.42 -14.29 -1.58
CA ASP B 61 -10.99 -14.48 -1.25
C ASP B 61 -10.24 -13.15 -1.31
N VAL B 62 -10.20 -12.47 -0.17
CA VAL B 62 -9.70 -11.10 -0.08
C VAL B 62 -8.23 -10.97 -0.57
N LEU B 63 -7.42 -12.00 -0.36
CA LEU B 63 -6.01 -11.95 -0.74
C LEU B 63 -5.89 -12.11 -2.24
N LEU B 64 -6.60 -13.09 -2.81
CA LEU B 64 -6.54 -13.24 -4.27
C LEU B 64 -7.08 -12.02 -5.02
N HIS B 65 -8.17 -11.43 -4.55
CA HIS B 65 -8.68 -10.19 -5.17
C HIS B 65 -7.62 -9.05 -5.17
N ALA B 66 -6.97 -8.82 -4.03
CA ALA B 66 -5.95 -7.77 -3.94
C ALA B 66 -4.84 -8.04 -4.94
N ILE B 67 -4.39 -9.29 -4.98
CA ILE B 67 -3.33 -9.66 -5.92
C ILE B 67 -3.73 -9.47 -7.38
N THR B 68 -4.95 -9.93 -7.72
CA THR B 68 -5.53 -9.73 -9.06
C THR B 68 -5.54 -8.26 -9.45
N ASP B 69 -6.03 -7.42 -8.53
CA ASP B 69 -6.05 -5.98 -8.77
C ASP B 69 -4.65 -5.42 -9.00
N ALA B 70 -3.68 -5.83 -8.18
CA ALA B 70 -2.31 -5.35 -8.37
C ALA B 70 -1.74 -5.76 -9.74
N LEU B 71 -2.08 -6.96 -10.21
CA LEU B 71 -1.61 -7.41 -11.52
C LEU B 71 -2.26 -6.64 -12.69
N PHE B 72 -3.58 -6.48 -12.67
CA PHE B 72 -4.22 -5.61 -13.67
C PHE B 72 -3.65 -4.19 -13.64
N GLY B 73 -3.38 -3.68 -12.44
CA GLY B 73 -2.86 -2.34 -12.27
C GLY B 73 -1.49 -2.17 -12.88
N ALA B 74 -0.62 -3.17 -12.67
CA ALA B 74 0.74 -3.12 -13.21
C ALA B 74 0.70 -3.12 -14.74
N ALA B 75 -0.27 -3.83 -15.30
CA ALA B 75 -0.45 -3.87 -16.74
C ALA B 75 -1.29 -2.72 -17.33
N ALA B 76 -1.77 -1.83 -16.45
CA ALA B 76 -2.68 -0.73 -16.81
C ALA B 76 -3.90 -1.25 -17.56
N LEU B 77 -4.50 -2.31 -17.01
CA LEU B 77 -5.70 -2.91 -17.61
C LEU B 77 -7.00 -2.67 -16.84
N GLY B 78 -7.07 -1.58 -16.10
CA GLY B 78 -8.24 -1.28 -15.29
C GLY B 78 -8.21 -2.05 -13.98
N ASP B 79 -9.30 -2.74 -13.66
CA ASP B 79 -9.40 -3.42 -12.37
C ASP B 79 -10.24 -4.69 -12.45
N ILE B 80 -10.26 -5.44 -11.36
CA ILE B 80 -10.87 -6.77 -11.35
C ILE B 80 -12.37 -6.74 -11.70
N GLY B 81 -13.09 -5.71 -11.26
CA GLY B 81 -14.52 -5.60 -11.54
C GLY B 81 -14.84 -5.29 -13.00
N ARG B 82 -13.86 -4.68 -13.69
CA ARG B 82 -14.03 -4.36 -15.11
C ARG B 82 -13.82 -5.57 -15.99
N HIS B 83 -12.96 -6.49 -15.54
CA HIS B 83 -12.74 -7.74 -16.24
C HIS B 83 -13.77 -8.80 -15.88
N PHE B 84 -14.09 -8.91 -14.58
CA PHE B 84 -14.97 -9.98 -14.08
C PHE B 84 -16.14 -9.43 -13.29
N SER B 85 -17.21 -9.03 -13.99
CA SER B 85 -18.36 -8.38 -13.36
C SER B 85 -19.15 -9.34 -12.47
N ASP B 86 -19.80 -8.79 -11.45
CA ASP B 86 -20.71 -9.57 -10.61
C ASP B 86 -21.95 -10.01 -11.39
N THR B 87 -22.10 -9.48 -12.61
CA THR B 87 -23.24 -9.80 -13.48
C THR B 87 -22.92 -10.75 -14.64
N ASP B 88 -21.64 -10.85 -15.01
CA ASP B 88 -21.19 -11.62 -16.18
C ASP B 88 -21.48 -13.12 -16.08
N PRO B 89 -22.22 -13.69 -17.07
CA PRO B 89 -22.46 -15.14 -17.15
C PRO B 89 -21.18 -15.99 -17.26
N ARG B 90 -20.16 -15.46 -17.93
CA ARG B 90 -18.90 -16.17 -18.15
C ARG B 90 -18.18 -16.52 -16.86
N PHE B 91 -18.40 -15.71 -15.81
CA PHE B 91 -17.71 -15.86 -14.53
C PHE B 91 -18.66 -16.04 -13.33
N LYS B 92 -19.92 -16.36 -13.62
CA LYS B 92 -20.95 -16.50 -12.58
C LYS B 92 -20.50 -17.39 -11.43
N GLY B 93 -20.06 -18.61 -11.75
CA GLY B 93 -19.63 -19.57 -10.73
C GLY B 93 -18.13 -19.82 -10.65
N ALA B 94 -17.34 -18.82 -11.01
CA ALA B 94 -15.89 -18.96 -10.99
C ALA B 94 -15.32 -18.62 -9.61
N ASP B 95 -14.34 -19.38 -9.15
CA ASP B 95 -13.70 -19.06 -7.88
C ASP B 95 -12.49 -18.16 -8.13
N SER B 96 -11.97 -17.56 -7.07
CA SER B 96 -10.96 -16.52 -7.20
C SER B 96 -9.63 -16.97 -7.82
N ARG B 97 -9.33 -18.27 -7.73
CA ARG B 97 -8.16 -18.81 -8.39
C ARG B 97 -8.33 -18.84 -9.91
N ALA B 98 -9.52 -19.24 -10.37
CA ALA B 98 -9.83 -19.12 -11.78
C ALA B 98 -9.68 -17.69 -12.30
N LEU B 99 -10.18 -16.73 -11.53
CA LEU B 99 -10.06 -15.31 -11.89
C LEU B 99 -8.60 -14.89 -11.92
N LEU B 100 -7.82 -15.34 -10.95
CA LEU B 100 -6.40 -15.04 -10.92
C LEU B 100 -5.67 -15.58 -12.15
N ARG B 101 -5.97 -16.82 -12.51
CA ARG B 101 -5.40 -17.42 -13.72
C ARG B 101 -5.77 -16.64 -14.99
N GLU B 102 -7.03 -16.22 -15.10
CA GLU B 102 -7.45 -15.47 -16.28
C GLU B 102 -6.75 -14.11 -16.32
N CYS B 103 -6.66 -13.48 -15.14
CA CYS B 103 -5.91 -12.22 -15.01
C CYS B 103 -4.50 -12.37 -15.58
N ALA B 104 -3.80 -13.41 -15.11
CA ALA B 104 -2.43 -13.70 -15.52
C ALA B 104 -2.29 -13.91 -17.04
N SER B 105 -3.28 -14.56 -17.65
CA SER B 105 -3.33 -14.72 -19.11
C SER B 105 -3.44 -13.37 -19.82
N ARG B 106 -4.28 -12.47 -19.30
CA ARG B 106 -4.48 -11.15 -19.88
C ARG B 106 -3.23 -10.27 -19.75
N VAL B 107 -2.59 -10.35 -18.59
CA VAL B 107 -1.35 -9.62 -18.36
C VAL B 107 -0.28 -10.12 -19.33
N ALA B 108 -0.23 -11.43 -19.52
CA ALA B 108 0.68 -12.02 -20.51
C ALA B 108 0.43 -11.50 -21.94
N GLN B 109 -0.84 -11.42 -22.36
CA GLN B 109 -1.16 -11.04 -23.74
C GLN B 109 -0.90 -9.56 -23.96
N ALA B 110 -0.90 -8.81 -22.87
CA ALA B 110 -0.60 -7.38 -22.93
C ALA B 110 0.90 -7.15 -23.10
N GLY B 111 1.68 -8.21 -22.96
CA GLY B 111 3.12 -8.20 -23.20
C GLY B 111 3.99 -8.28 -21.95
N PHE B 112 3.36 -8.49 -20.80
CA PHE B 112 4.06 -8.43 -19.51
C PHE B 112 4.32 -9.79 -18.86
N ALA B 113 5.53 -9.94 -18.32
CA ALA B 113 5.91 -11.09 -17.52
C ALA B 113 5.91 -10.66 -16.06
N ILE B 114 5.41 -11.52 -15.18
CA ILE B 114 5.35 -11.18 -13.75
C ILE B 114 6.69 -11.50 -13.11
N ARG B 115 7.19 -10.54 -12.33
CA ARG B 115 8.47 -10.72 -11.66
C ARG B 115 8.33 -11.11 -10.20
N ASN B 116 7.40 -10.49 -9.46
CA ASN B 116 7.13 -10.89 -8.07
C ASN B 116 5.84 -10.30 -7.52
N VAL B 117 5.34 -10.91 -6.46
CA VAL B 117 4.16 -10.45 -5.73
C VAL B 117 4.50 -10.46 -4.26
N ASP B 118 4.12 -9.39 -3.56
CA ASP B 118 4.19 -9.38 -2.11
C ASP B 118 2.84 -8.92 -1.60
N SER B 119 2.49 -9.31 -0.36
CA SER B 119 1.15 -9.02 0.14
C SER B 119 1.07 -9.06 1.67
N THR B 120 0.01 -8.47 2.21
CA THR B 120 -0.29 -8.48 3.65
C THR B 120 -1.76 -8.74 3.86
N ILE B 121 -2.06 -9.67 4.76
CA ILE B 121 -3.41 -9.89 5.25
C ILE B 121 -3.48 -9.28 6.64
N ILE B 122 -4.48 -8.42 6.86
CA ILE B 122 -4.74 -7.87 8.20
C ILE B 122 -5.97 -8.53 8.78
N ALA B 123 -5.76 -9.37 9.78
CA ALA B 123 -6.81 -10.09 10.46
C ALA B 123 -6.43 -10.18 11.94
N GLN B 124 -7.36 -9.83 12.82
CA GLN B 124 -7.07 -9.88 14.25
C GLN B 124 -7.00 -11.38 14.65
N ALA B 125 -7.83 -12.21 14.01
CA ALA B 125 -7.87 -13.66 14.19
C ALA B 125 -8.51 -14.29 12.96
N PRO B 126 -8.29 -15.60 12.72
CA PRO B 126 -7.44 -16.57 13.44
C PRO B 126 -5.98 -16.45 13.02
N LYS B 127 -5.14 -17.35 13.52
CA LYS B 127 -3.72 -17.36 13.16
C LYS B 127 -3.55 -17.82 11.71
N LEU B 128 -2.84 -17.03 10.92
CA LEU B 128 -2.67 -17.33 9.49
C LEU B 128 -1.31 -17.95 9.19
N ALA B 129 -0.37 -17.78 10.12
CA ALA B 129 0.99 -18.21 9.88
C ALA B 129 1.09 -19.67 9.40
N PRO B 130 0.30 -20.60 10.01
CA PRO B 130 0.38 -22.02 9.59
C PRO B 130 -0.03 -22.27 8.13
N HIS B 131 -0.75 -21.31 7.56
CA HIS B 131 -1.32 -21.45 6.24
C HIS B 131 -0.56 -20.70 5.15
N ILE B 132 0.50 -20.00 5.53
CA ILE B 132 1.18 -19.10 4.60
C ILE B 132 1.81 -19.83 3.42
N ASP B 133 2.48 -20.94 3.69
CA ASP B 133 3.13 -21.70 2.62
C ASP B 133 2.10 -22.28 1.64
N ALA B 134 0.96 -22.71 2.16
CA ALA B 134 -0.17 -23.15 1.32
C ALA B 134 -0.68 -22.02 0.38
N MET B 135 -0.80 -20.80 0.90
CA MET B 135 -1.27 -19.69 0.11
C MET B 135 -0.25 -19.37 -0.97
N ARG B 136 1.02 -19.29 -0.57
CA ARG B 136 2.09 -19.01 -1.50
C ARG B 136 2.09 -20.04 -2.62
N ALA B 137 1.97 -21.31 -2.26
CA ALA B 137 1.96 -22.39 -3.25
C ALA B 137 0.82 -22.24 -4.25
N ASN B 138 -0.37 -21.89 -3.77
CA ASN B 138 -1.53 -21.67 -4.65
C ASN B 138 -1.31 -20.51 -5.60
N ILE B 139 -0.77 -19.41 -5.06
CA ILE B 139 -0.60 -18.22 -5.86
C ILE B 139 0.48 -18.46 -6.92
N ALA B 140 1.59 -19.06 -6.52
CA ALA B 140 2.70 -19.31 -7.44
C ALA B 140 2.25 -20.21 -8.60
N ALA B 141 1.48 -21.23 -8.26
CA ALA B 141 0.89 -22.12 -9.27
C ALA B 141 0.02 -21.34 -10.28
N ASP B 142 -0.88 -20.50 -9.76
CA ASP B 142 -1.80 -19.76 -10.62
C ASP B 142 -1.10 -18.72 -11.47
N LEU B 143 -0.01 -18.14 -10.96
CA LEU B 143 0.77 -17.20 -11.75
C LEU B 143 1.93 -17.83 -12.54
N ASP B 144 2.08 -19.14 -12.44
CA ASP B 144 3.21 -19.85 -13.04
C ASP B 144 4.53 -19.19 -12.64
N LEU B 145 4.68 -18.94 -11.34
CA LEU B 145 5.88 -18.32 -10.81
C LEU B 145 6.65 -19.28 -9.88
N PRO B 146 8.00 -19.20 -9.87
CA PRO B 146 8.74 -19.86 -8.80
C PRO B 146 8.24 -19.40 -7.44
N LEU B 147 8.27 -20.31 -6.47
CA LEU B 147 7.74 -20.02 -5.16
C LEU B 147 8.45 -18.81 -4.53
N ASP B 148 9.74 -18.64 -4.83
CA ASP B 148 10.52 -17.57 -4.20
C ASP B 148 10.24 -16.19 -4.81
N ARG B 149 9.22 -16.10 -5.64
CA ARG B 149 8.79 -14.78 -6.16
C ARG B 149 7.42 -14.40 -5.63
N VAL B 150 6.94 -15.17 -4.66
CA VAL B 150 5.61 -14.94 -4.05
C VAL B 150 5.72 -14.86 -2.54
N ASN B 151 5.19 -13.79 -1.96
CA ASN B 151 5.27 -13.64 -0.51
C ASN B 151 3.93 -13.19 0.02
N VAL B 152 3.59 -13.71 1.20
CA VAL B 152 2.37 -13.37 1.95
C VAL B 152 2.73 -13.13 3.42
N LYS B 153 2.27 -11.99 3.95
CA LYS B 153 2.55 -11.60 5.34
C LYS B 153 1.24 -11.41 6.06
N ALA B 154 1.26 -11.53 7.39
CA ALA B 154 0.02 -11.40 8.18
C ALA B 154 0.22 -10.42 9.34
N LYS B 155 -0.81 -9.60 9.62
CA LYS B 155 -0.71 -8.58 10.66
C LYS B 155 -2.00 -8.57 11.40
N THR B 156 -1.96 -8.26 12.70
CA THR B 156 -3.18 -7.84 13.39
C THR B 156 -3.34 -6.34 13.24
N ASN B 157 -4.50 -5.83 13.65
CA ASN B 157 -4.68 -4.38 13.68
C ASN B 157 -4.57 -3.80 15.09
N GLU B 158 -3.93 -4.54 16.00
CA GLU B 158 -3.70 -4.08 17.38
C GLU B 158 -5.00 -3.60 18.04
N LYS B 159 -6.07 -4.33 17.74
CA LYS B 159 -7.38 -4.14 18.35
C LYS B 159 -8.05 -2.79 17.99
N LEU B 160 -7.53 -2.13 16.94
CA LEU B 160 -8.09 -0.85 16.48
C LEU B 160 -9.05 -1.03 15.33
N GLY B 161 -10.21 -0.36 15.40
CA GLY B 161 -11.08 -0.29 14.26
C GLY B 161 -11.85 -1.57 13.99
N TYR B 162 -12.61 -1.59 12.89
CA TYR B 162 -13.37 -2.79 12.52
C TYR B 162 -12.47 -4.02 12.30
N LEU B 163 -11.25 -3.79 11.78
CA LEU B 163 -10.28 -4.89 11.65
C LEU B 163 -9.91 -5.45 13.03
N GLY B 164 -9.61 -4.54 13.96
CA GLY B 164 -9.18 -4.88 15.30
C GLY B 164 -10.25 -5.54 16.12
N ARG B 165 -11.52 -5.29 15.77
CA ARG B 165 -12.66 -5.89 16.46
C ARG B 165 -13.11 -7.19 15.80
N GLY B 166 -12.38 -7.60 14.76
CA GLY B 166 -12.68 -8.85 14.02
C GLY B 166 -13.93 -8.77 13.15
N GLU B 167 -14.26 -7.58 12.69
CA GLU B 167 -15.48 -7.36 11.90
C GLU B 167 -15.25 -7.51 10.39
N GLY B 168 -13.99 -7.64 10.01
CA GLY B 168 -13.61 -7.73 8.62
C GLY B 168 -12.14 -8.13 8.51
N ILE B 169 -11.72 -8.47 7.30
CA ILE B 169 -10.31 -8.77 7.01
C ILE B 169 -9.92 -8.00 5.76
N GLU B 170 -8.73 -7.41 5.77
CA GLU B 170 -8.18 -6.62 4.67
C GLU B 170 -7.00 -7.34 4.03
N ALA B 171 -6.82 -7.18 2.72
CA ALA B 171 -5.56 -7.58 2.06
C ALA B 171 -4.97 -6.44 1.26
N GLN B 172 -3.65 -6.36 1.26
CA GLN B 172 -2.92 -5.39 0.46
C GLN B 172 -1.98 -6.20 -0.44
N ALA B 173 -1.76 -5.75 -1.68
CA ALA B 173 -0.79 -6.45 -2.55
C ALA B 173 0.03 -5.52 -3.41
N ALA B 174 1.26 -5.93 -3.71
CA ALA B 174 2.13 -5.20 -4.62
C ALA B 174 2.65 -6.21 -5.67
N ALA B 175 2.69 -5.81 -6.95
CA ALA B 175 3.19 -6.67 -8.03
C ALA B 175 4.15 -5.91 -8.93
N LEU B 176 5.23 -6.58 -9.35
CA LEU B 176 6.16 -6.00 -10.30
C LEU B 176 6.11 -6.86 -11.56
N VAL B 177 5.98 -6.20 -12.71
CA VAL B 177 5.99 -6.89 -14.00
C VAL B 177 6.98 -6.23 -14.96
N VAL B 178 7.24 -6.87 -16.10
CA VAL B 178 8.14 -6.29 -17.08
C VAL B 178 7.62 -6.58 -18.49
N ARG B 179 7.59 -5.55 -19.34
CA ARG B 179 7.19 -5.75 -20.74
C ARG B 179 8.28 -6.50 -21.45
N GLU B 180 7.93 -7.63 -22.04
CA GLU B 180 8.88 -8.45 -22.80
C GLU B 180 8.46 -8.49 -24.26
N MET C 22 17.95 -0.35 -14.82
CA MET C 22 18.88 0.74 -14.42
C MET C 22 18.50 1.23 -13.02
N ASP C 23 18.52 2.54 -12.79
CA ASP C 23 18.31 3.06 -11.42
C ASP C 23 16.83 3.31 -11.16
N PHE C 24 16.07 2.23 -10.99
CA PHE C 24 14.65 2.33 -10.70
C PHE C 24 14.39 2.63 -9.22
N ARG C 25 13.29 3.33 -8.98
CA ARG C 25 12.81 3.62 -7.60
C ARG C 25 11.31 3.47 -7.52
N ILE C 26 10.81 2.98 -6.39
N ILE C 26 10.84 2.98 -6.36
CA ILE C 26 9.37 2.95 -6.23
CA ILE C 26 9.41 2.84 -6.06
C ILE C 26 8.89 3.93 -5.15
C ILE C 26 8.90 3.94 -5.11
N GLY C 27 7.67 4.41 -5.33
CA GLY C 27 7.02 5.29 -4.33
C GLY C 27 5.62 4.83 -4.05
N GLN C 28 5.11 5.24 -2.89
CA GLN C 28 3.74 4.87 -2.54
C GLN C 28 3.08 6.04 -1.88
N GLY C 29 1.79 6.20 -2.11
CA GLY C 29 1.07 7.37 -1.62
C GLY C 29 -0.28 6.97 -1.07
N TYR C 30 -0.72 7.75 -0.09
CA TYR C 30 -1.99 7.53 0.58
C TYR C 30 -2.64 8.89 0.79
N ASP C 31 -3.95 8.97 0.56
CA ASP C 31 -4.68 10.17 0.98
C ASP C 31 -6.11 9.81 1.37
N VAL C 32 -6.71 10.66 2.20
CA VAL C 32 -8.14 10.52 2.53
C VAL C 32 -8.67 11.93 2.81
N HIS C 33 -9.92 12.17 2.40
CA HIS C 33 -10.60 13.42 2.73
C HIS C 33 -12.02 13.14 3.15
N GLN C 34 -12.56 14.02 3.98
CA GLN C 34 -13.95 13.93 4.39
C GLN C 34 -14.87 14.34 3.24
N LEU C 35 -16.03 13.68 3.17
CA LEU C 35 -17.12 14.10 2.27
C LEU C 35 -18.07 15.02 3.00
N VAL C 36 -18.28 16.19 2.42
CA VAL C 36 -19.05 17.26 3.08
C VAL C 36 -20.03 17.93 2.10
N PRO C 37 -21.13 18.52 2.63
CA PRO C 37 -22.06 19.22 1.73
C PRO C 37 -21.47 20.53 1.21
N GLY C 38 -21.96 21.00 0.07
CA GLY C 38 -21.60 22.33 -0.42
C GLY C 38 -20.28 22.41 -1.17
N ARG C 39 -19.81 21.25 -1.64
CA ARG C 39 -18.54 21.13 -2.34
C ARG C 39 -18.70 20.18 -3.54
N PRO C 40 -18.12 20.53 -4.70
CA PRO C 40 -18.13 19.58 -5.81
C PRO C 40 -17.23 18.38 -5.47
N LEU C 41 -17.60 17.22 -5.99
CA LEU C 41 -16.78 16.05 -5.87
C LEU C 41 -15.87 15.95 -7.08
N ILE C 42 -14.57 16.12 -6.84
CA ILE C 42 -13.57 16.11 -7.90
C ILE C 42 -12.53 15.03 -7.60
N ILE C 43 -12.47 14.04 -8.47
CA ILE C 43 -11.52 12.91 -8.29
C ILE C 43 -10.79 12.64 -9.60
N GLY C 44 -9.47 12.62 -9.56
CA GLY C 44 -8.68 12.46 -10.79
C GLY C 44 -9.01 13.55 -11.81
N GLY C 45 -9.32 14.75 -11.32
CA GLY C 45 -9.64 15.89 -12.20
C GLY C 45 -11.04 15.84 -12.77
N VAL C 46 -11.80 14.79 -12.47
CA VAL C 46 -13.15 14.66 -13.00
C VAL C 46 -14.18 15.14 -11.98
N THR C 47 -15.03 16.08 -12.39
CA THR C 47 -16.15 16.52 -11.55
C THR C 47 -17.29 15.50 -11.66
N ILE C 48 -17.68 14.93 -10.52
CA ILE C 48 -18.65 13.85 -10.52
C ILE C 48 -19.92 14.28 -9.80
N PRO C 49 -21.10 14.16 -10.46
CA PRO C 49 -22.32 14.61 -9.81
C PRO C 49 -22.55 13.84 -8.51
N TYR C 50 -22.78 14.57 -7.42
CA TYR C 50 -22.93 13.99 -6.10
C TYR C 50 -23.34 15.06 -5.10
N GLU C 51 -24.05 14.65 -4.06
CA GLU C 51 -24.62 15.56 -3.06
C GLU C 51 -23.55 16.19 -2.14
N ARG C 52 -22.37 15.58 -2.11
CA ARG C 52 -21.29 16.06 -1.27
C ARG C 52 -20.01 16.08 -2.09
N GLY C 53 -18.98 16.71 -1.53
CA GLY C 53 -17.68 16.79 -2.19
C GLY C 53 -16.59 16.65 -1.15
N LEU C 54 -15.34 16.62 -1.59
CA LEU C 54 -14.25 16.43 -0.62
C LEU C 54 -13.74 17.72 0.01
N LEU C 55 -13.48 17.66 1.30
CA LEU C 55 -13.08 18.82 2.08
C LEU C 55 -11.57 18.91 2.13
N GLY C 56 -11.05 20.08 1.78
CA GLY C 56 -9.61 20.32 1.88
C GLY C 56 -9.33 21.79 1.62
N HIS C 57 -8.08 22.19 1.87
CA HIS C 57 -7.63 23.55 1.55
C HIS C 57 -7.74 23.76 0.03
N SER C 58 -7.14 22.82 -0.73
CA SER C 58 -7.20 22.80 -2.19
C SER C 58 -8.60 22.36 -2.65
N ASP C 59 -8.69 21.83 -3.87
CA ASP C 59 -9.93 21.15 -4.35
C ASP C 59 -10.07 19.73 -3.77
N ALA C 60 -9.11 19.32 -2.95
CA ALA C 60 -9.20 18.07 -2.20
C ALA C 60 -9.28 16.81 -3.09
N ASP C 61 -8.62 16.85 -4.25
CA ASP C 61 -8.62 15.71 -5.13
C ASP C 61 -7.77 14.57 -4.53
N VAL C 62 -8.44 13.67 -3.83
CA VAL C 62 -7.74 12.64 -3.05
C VAL C 62 -6.85 11.72 -3.95
N LEU C 63 -7.33 11.42 -5.15
CA LEU C 63 -6.59 10.56 -6.06
C LEU C 63 -5.31 11.25 -6.53
N LEU C 64 -5.43 12.51 -6.95
CA LEU C 64 -4.25 13.23 -7.44
C LEU C 64 -3.25 13.46 -6.31
N HIS C 65 -3.76 13.73 -5.11
CA HIS C 65 -2.86 13.84 -3.96
C HIS C 65 -2.08 12.56 -3.69
N ALA C 66 -2.74 11.41 -3.72
CA ALA C 66 -2.05 10.12 -3.47
C ALA C 66 -0.96 9.88 -4.53
N ILE C 67 -1.28 10.16 -5.78
CA ILE C 67 -0.29 9.99 -6.86
C ILE C 67 0.88 10.97 -6.70
N THR C 68 0.57 12.21 -6.36
CA THR C 68 1.59 13.22 -6.06
C THR C 68 2.56 12.75 -4.98
N ASP C 69 2.02 12.25 -3.87
CA ASP C 69 2.87 11.73 -2.80
C ASP C 69 3.68 10.49 -3.25
N ALA C 70 3.10 9.57 -4.04
CA ALA C 70 3.88 8.44 -4.55
C ALA C 70 5.03 8.91 -5.43
N LEU C 71 4.78 9.92 -6.27
CA LEU C 71 5.84 10.47 -7.12
C LEU C 71 6.94 11.18 -6.32
N PHE C 72 6.56 12.07 -5.39
CA PHE C 72 7.62 12.64 -4.51
C PHE C 72 8.36 11.52 -3.75
N GLY C 73 7.63 10.51 -3.27
CA GLY C 73 8.28 9.41 -2.52
C GLY C 73 9.28 8.64 -3.36
N ALA C 74 8.90 8.33 -4.60
CA ALA C 74 9.79 7.56 -5.49
C ALA C 74 11.11 8.33 -5.83
N ALA C 75 11.00 9.66 -5.94
CA ALA C 75 12.14 10.55 -6.15
C ALA C 75 12.85 10.99 -4.88
N ALA C 76 12.39 10.48 -3.72
CA ALA C 76 12.95 10.82 -2.40
C ALA C 76 12.97 12.33 -2.20
N LEU C 77 11.86 12.95 -2.57
CA LEU C 77 11.70 14.41 -2.45
C LEU C 77 10.79 14.84 -1.31
N GLY C 78 10.47 13.93 -0.38
CA GLY C 78 9.69 14.31 0.81
C GLY C 78 8.22 14.03 0.55
N ASP C 79 7.37 15.01 0.77
CA ASP C 79 5.94 14.79 0.58
C ASP C 79 5.22 16.07 0.16
N ILE C 80 3.94 15.93 -0.11
CA ILE C 80 3.17 16.98 -0.72
C ILE C 80 3.12 18.23 0.20
N GLY C 81 3.06 17.99 1.51
CA GLY C 81 3.03 19.08 2.50
C GLY C 81 4.32 19.86 2.62
N ARG C 82 5.44 19.21 2.29
CA ARG C 82 6.77 19.83 2.25
C ARG C 82 6.94 20.77 1.04
N HIS C 83 6.26 20.45 -0.06
CA HIS C 83 6.37 21.21 -1.30
C HIS C 83 5.32 22.31 -1.43
N PHE C 84 4.11 22.02 -0.96
CA PHE C 84 2.98 22.90 -1.20
C PHE C 84 2.31 23.25 0.13
N PHE C 91 1.02 29.09 -5.50
CA PHE C 91 0.15 27.91 -5.37
C PHE C 91 -1.17 28.20 -4.65
N LYS C 92 -1.32 29.41 -4.11
CA LYS C 92 -2.41 29.69 -3.16
C LYS C 92 -3.77 29.11 -3.60
N GLY C 93 -4.24 29.50 -4.79
CA GLY C 93 -5.51 29.01 -5.29
C GLY C 93 -5.40 27.89 -6.31
N ALA C 94 -4.28 27.15 -6.27
CA ALA C 94 -4.04 26.09 -7.28
C ALA C 94 -4.94 24.86 -7.06
N ASP C 95 -5.41 24.29 -8.17
CA ASP C 95 -6.16 23.05 -8.13
C ASP C 95 -5.17 21.89 -8.15
N SER C 96 -5.66 20.68 -7.88
CA SER C 96 -4.75 19.56 -7.65
C SER C 96 -4.02 19.13 -8.92
N ARG C 97 -4.53 19.51 -10.10
CA ARG C 97 -3.86 19.11 -11.34
C ARG C 97 -2.63 19.98 -11.56
N ALA C 98 -2.75 21.26 -11.19
CA ALA C 98 -1.59 22.15 -11.26
C ALA C 98 -0.51 21.65 -10.30
N LEU C 99 -0.91 21.17 -9.12
CA LEU C 99 0.05 20.61 -8.17
C LEU C 99 0.68 19.33 -8.70
N LEU C 100 -0.12 18.49 -9.34
CA LEU C 100 0.40 17.26 -9.94
C LEU C 100 1.42 17.61 -11.02
N ARG C 101 1.09 18.61 -11.86
CA ARG C 101 2.02 19.04 -12.91
C ARG C 101 3.32 19.55 -12.31
N GLU C 102 3.22 20.31 -11.22
CA GLU C 102 4.39 20.85 -10.52
C GLU C 102 5.21 19.72 -9.90
N CYS C 103 4.53 18.75 -9.30
CA CYS C 103 5.21 17.56 -8.80
C CYS C 103 6.04 16.91 -9.92
N ALA C 104 5.43 16.67 -11.07
CA ALA C 104 6.13 16.08 -12.22
C ALA C 104 7.37 16.88 -12.60
N SER C 105 7.25 18.20 -12.53
CA SER C 105 8.35 19.12 -12.84
C SER C 105 9.50 18.89 -11.87
N ARG C 106 9.15 18.81 -10.58
CA ARG C 106 10.19 18.63 -9.55
C ARG C 106 10.82 17.26 -9.63
N VAL C 107 10.04 16.25 -9.99
CA VAL C 107 10.56 14.91 -10.18
C VAL C 107 11.58 14.92 -11.34
N ALA C 108 11.23 15.60 -12.43
CA ALA C 108 12.15 15.73 -13.58
C ALA C 108 13.40 16.53 -13.20
N GLN C 109 13.23 17.60 -12.43
CA GLN C 109 14.35 18.43 -11.98
C GLN C 109 15.36 17.62 -11.18
N ALA C 110 14.87 16.64 -10.44
CA ALA C 110 15.76 15.79 -9.62
C ALA C 110 16.46 14.70 -10.45
N GLY C 111 16.11 14.58 -11.73
CA GLY C 111 16.76 13.65 -12.66
C GLY C 111 15.99 12.36 -12.91
N PHE C 112 14.72 12.33 -12.55
CA PHE C 112 13.92 11.12 -12.73
C PHE C 112 12.92 11.22 -13.85
N ALA C 113 12.70 10.09 -14.50
CA ALA C 113 11.63 9.93 -15.49
C ALA C 113 10.58 8.99 -14.92
N ILE C 114 9.32 9.29 -15.17
CA ILE C 114 8.23 8.44 -14.66
C ILE C 114 7.99 7.26 -15.60
N ARG C 115 7.93 6.05 -15.03
CA ARG C 115 7.67 4.85 -15.83
C ARG C 115 6.21 4.39 -15.81
N ASN C 116 5.59 4.35 -14.64
CA ASN C 116 4.17 4.08 -14.57
C ASN C 116 3.59 4.52 -13.22
N VAL C 117 2.28 4.68 -13.23
CA VAL C 117 1.49 4.94 -12.02
CA VAL C 117 1.52 4.90 -11.99
C VAL C 117 0.31 3.98 -11.97
N ASP C 118 0.04 3.43 -10.80
CA ASP C 118 -1.18 2.66 -10.54
C ASP C 118 -1.82 3.22 -9.27
N SER C 119 -3.12 3.04 -9.13
CA SER C 119 -3.86 3.61 -8.02
C SER C 119 -5.19 2.92 -7.76
N THR C 120 -5.72 3.14 -6.56
CA THR C 120 -7.07 2.66 -6.20
C THR C 120 -7.81 3.75 -5.46
N ILE C 121 -9.06 3.97 -5.85
CA ILE C 121 -9.94 4.86 -5.10
C ILE C 121 -10.89 3.98 -4.27
N ILE C 122 -10.99 4.25 -2.98
CA ILE C 122 -11.97 3.54 -2.15
C ILE C 122 -13.10 4.49 -1.80
N ALA C 123 -14.27 4.23 -2.39
CA ALA C 123 -15.44 5.04 -2.14
C ALA C 123 -16.68 4.14 -2.18
N GLN C 124 -17.51 4.24 -1.15
CA GLN C 124 -18.74 3.47 -1.12
C GLN C 124 -19.68 3.94 -2.22
N ALA C 125 -19.71 5.27 -2.39
CA ALA C 125 -20.54 5.94 -3.38
C ALA C 125 -19.89 7.27 -3.73
N PRO C 126 -20.25 7.87 -4.89
CA PRO C 126 -21.09 7.37 -5.96
C PRO C 126 -20.33 6.37 -6.84
N LYS C 127 -21.02 5.84 -7.84
CA LYS C 127 -20.40 4.98 -8.85
C LYS C 127 -19.30 5.70 -9.64
N LEU C 128 -18.09 5.14 -9.64
CA LEU C 128 -16.94 5.77 -10.28
C LEU C 128 -16.63 5.23 -11.68
N ALA C 129 -17.14 4.04 -11.99
CA ALA C 129 -16.92 3.38 -13.28
C ALA C 129 -16.97 4.26 -14.55
N PRO C 130 -18.01 5.12 -14.70
CA PRO C 130 -18.16 5.93 -15.92
C PRO C 130 -17.08 7.00 -16.08
N HIS C 131 -16.37 7.27 -14.99
CA HIS C 131 -15.44 8.38 -14.88
C HIS C 131 -13.96 7.97 -14.95
N ILE C 132 -13.67 6.69 -14.78
CA ILE C 132 -12.29 6.20 -14.63
C ILE C 132 -11.38 6.44 -15.84
N ASP C 133 -11.90 6.19 -17.04
CA ASP C 133 -11.07 6.39 -18.21
C ASP C 133 -10.73 7.89 -18.36
N ALA C 134 -11.65 8.78 -17.98
CA ALA C 134 -11.39 10.22 -18.04
C ALA C 134 -10.32 10.64 -17.02
N MET C 135 -10.34 10.01 -15.85
CA MET C 135 -9.31 10.26 -14.82
C MET C 135 -7.95 9.85 -15.33
N ARG C 136 -7.88 8.66 -15.93
CA ARG C 136 -6.63 8.17 -16.50
CA ARG C 136 -6.64 8.16 -16.50
C ARG C 136 -6.08 9.14 -17.54
N ALA C 137 -6.97 9.62 -18.41
CA ALA C 137 -6.57 10.57 -19.45
C ALA C 137 -6.01 11.87 -18.85
N ASN C 138 -6.69 12.39 -17.82
CA ASN C 138 -6.22 13.59 -17.10
C ASN C 138 -4.82 13.40 -16.50
N ILE C 139 -4.63 12.29 -15.79
CA ILE C 139 -3.32 12.00 -15.17
C ILE C 139 -2.22 11.83 -16.22
N ALA C 140 -2.52 11.08 -17.28
CA ALA C 140 -1.59 10.89 -18.38
C ALA C 140 -1.17 12.25 -19.00
N ALA C 141 -2.14 13.14 -19.18
CA ALA C 141 -1.82 14.45 -19.74
C ALA C 141 -0.95 15.26 -18.77
N ASP C 142 -1.30 15.21 -17.48
CA ASP C 142 -0.56 15.99 -16.49
C ASP C 142 0.87 15.52 -16.29
N LEU C 143 1.07 14.21 -16.46
CA LEU C 143 2.38 13.62 -16.25
C LEU C 143 3.17 13.44 -17.54
N ASP C 144 2.59 13.87 -18.65
CA ASP C 144 3.20 13.66 -19.97
C ASP C 144 3.57 12.19 -20.18
N LEU C 145 2.58 11.32 -19.94
CA LEU C 145 2.72 9.87 -20.10
C LEU C 145 1.69 9.33 -21.08
N PRO C 146 2.06 8.25 -21.80
CA PRO C 146 1.05 7.58 -22.61
C PRO C 146 0.04 6.90 -21.71
N LEU C 147 -1.18 6.72 -22.21
CA LEU C 147 -2.28 6.15 -21.44
C LEU C 147 -1.94 4.80 -20.82
N ASP C 148 -1.16 3.99 -21.53
CA ASP C 148 -0.94 2.63 -21.09
C ASP C 148 0.10 2.54 -19.98
N ARG C 149 0.53 3.69 -19.44
CA ARG C 149 1.45 3.71 -18.29
C ARG C 149 0.76 4.31 -17.07
N VAL C 150 -0.55 4.52 -17.19
CA VAL C 150 -1.35 5.12 -16.12
C VAL C 150 -2.57 4.27 -15.85
N ASN C 151 -2.79 3.96 -14.59
CA ASN C 151 -3.92 3.15 -14.23
C ASN C 151 -4.65 3.65 -13.00
N VAL C 152 -5.98 3.50 -12.99
CA VAL C 152 -6.85 3.88 -11.88
C VAL C 152 -7.87 2.77 -11.66
N LYS C 153 -7.98 2.31 -10.41
CA LYS C 153 -8.90 1.26 -10.00
C LYS C 153 -9.86 1.79 -8.94
N ALA C 154 -10.98 1.11 -8.74
CA ALA C 154 -11.92 1.57 -7.72
C ALA C 154 -12.47 0.40 -6.90
N LYS C 155 -12.80 0.69 -5.65
CA LYS C 155 -13.28 -0.30 -4.68
C LYS C 155 -14.30 0.34 -3.76
N THR C 156 -15.32 -0.41 -3.31
CA THR C 156 -16.05 0.02 -2.11
C THR C 156 -15.31 -0.46 -0.85
N ASN C 157 -15.84 -0.10 0.33
CA ASN C 157 -15.29 -0.63 1.56
C ASN C 157 -16.21 -1.65 2.26
N GLU C 158 -17.11 -2.25 1.47
CA GLU C 158 -18.04 -3.26 2.00
C GLU C 158 -18.76 -2.76 3.27
N LYS C 159 -19.21 -1.50 3.20
CA LYS C 159 -19.92 -0.84 4.29
C LYS C 159 -19.17 -0.84 5.63
N LEU C 160 -17.85 -1.03 5.62
CA LEU C 160 -17.07 -1.01 6.85
C LEU C 160 -16.41 0.33 7.12
N GLY C 161 -16.46 0.76 8.40
CA GLY C 161 -15.74 1.96 8.86
C GLY C 161 -16.25 3.27 8.30
N TYR C 162 -15.46 4.34 8.47
CA TYR C 162 -15.88 5.64 7.96
C TYR C 162 -16.02 5.65 6.44
N LEU C 163 -15.16 4.91 5.72
CA LEU C 163 -15.32 4.81 4.26
C LEU C 163 -16.67 4.15 3.91
N GLY C 164 -17.01 3.11 4.65
CA GLY C 164 -18.21 2.31 4.36
C GLY C 164 -19.46 3.10 4.69
N ARG C 165 -19.35 4.03 5.64
CA ARG C 165 -20.49 4.89 5.98
C ARG C 165 -20.57 6.14 5.07
N GLY C 166 -19.66 6.24 4.11
CA GLY C 166 -19.61 7.37 3.20
C GLY C 166 -19.15 8.67 3.83
N GLU C 167 -18.35 8.58 4.90
CA GLU C 167 -17.89 9.77 5.59
C GLU C 167 -16.64 10.36 4.90
N GLY C 168 -15.97 9.54 4.11
CA GLY C 168 -14.78 10.02 3.40
C GLY C 168 -14.48 9.15 2.20
N ILE C 169 -13.48 9.54 1.41
CA ILE C 169 -12.99 8.72 0.27
C ILE C 169 -11.46 8.65 0.38
N GLU C 170 -10.91 7.45 0.19
CA GLU C 170 -9.47 7.20 0.30
C GLU C 170 -8.89 6.96 -1.10
N ALA C 171 -7.63 7.30 -1.30
CA ALA C 171 -6.91 6.85 -2.48
C ALA C 171 -5.53 6.34 -2.12
N GLN C 172 -5.11 5.33 -2.87
CA GLN C 172 -3.79 4.71 -2.72
C GLN C 172 -3.10 4.79 -4.07
N ALA C 173 -1.80 5.00 -4.08
CA ALA C 173 -1.07 5.04 -5.35
C ALA C 173 0.30 4.41 -5.25
N ALA C 174 0.75 3.89 -6.39
CA ALA C 174 2.11 3.37 -6.49
C ALA C 174 2.73 3.97 -7.74
N ALA C 175 3.99 4.37 -7.65
CA ALA C 175 4.69 4.92 -8.82
C ALA C 175 6.06 4.30 -9.00
N LEU C 176 6.43 4.07 -10.26
CA LEU C 176 7.79 3.63 -10.52
C LEU C 176 8.46 4.70 -11.37
N VAL C 177 9.66 5.08 -10.99
CA VAL C 177 10.44 6.07 -11.76
C VAL C 177 11.84 5.50 -12.04
N VAL C 178 12.59 6.15 -12.93
CA VAL C 178 13.99 5.76 -13.16
C VAL C 178 14.86 7.01 -13.19
N ARG C 179 16.02 6.92 -12.53
CA ARG C 179 16.98 8.00 -12.59
C ARG C 179 17.84 7.82 -13.81
N GLU C 180 17.68 8.76 -14.75
CA GLU C 180 18.47 8.81 -15.97
C GLU C 180 19.62 9.79 -15.78
#